data_6III
#
_entry.id   6III
#
_cell.length_a   71.424
_cell.length_b   71.424
_cell.length_c   363.446
_cell.angle_alpha   90.00
_cell.angle_beta   90.00
_cell.angle_gamma   120.00
#
_symmetry.space_group_name_H-M   'P 61 2 2'
#
loop_
_entity.id
_entity.type
_entity.pdbx_description
1 polymer 'UPF0061 protein YdiU'
2 non-polymer 'IMIDODIPHOSPHORIC ACID'
3 non-polymer 'ADENOSINE MONOPHOSPHATE'
4 non-polymer 'MAGNESIUM ION'
5 water water
#
_entity_poly.entity_id   1
_entity_poly.type   'polypeptide(L)'
_entity_poly.pdbx_seq_one_letter_code
;GPGSMTLSFITRWRDELPATYTTLSPTPLNNARLIWHNAELANTLGIPSSLFKNGAGVWGGETLLPGMSPLAQVYSGHQF
GVWAGQLGDGRGILLGEQRLADGTTMDWHLKGAGLTPYSRMGDGRAVLRSTIRESLASEAMHYLGIPTTRALSIVTSDSP
VYRETVEPGAMLMRVAPSHLRFGHFEHFYYRREPEKVRQLADFAIRHYWSHLADDEDKYRLWFTDVVARTASLIAQWQTV
GFAHGVMNTDNMSLLGLTLDYGPFGFLDDYEPGFICNHSDHQGRYSFDNQPAVALWNLQRLAQTLSPFVAVDALNEALDS
YQQVLLTHYGQRMRQKLGFMTEQKEDNALLNELFSLMARERSDYTRTFRMLSLTEQHSAASPLRDEFIDRAAFDDWFARY
RGRLQQDEVSDSERQQLMQSVNPALVLRNWLAQRAIEAAEKGDMTELHRLHEALRNPFSDRDDDYVSRPPDWGKRLEVSC
SS
;
_entity_poly.pdbx_strand_id   A
#
loop_
_chem_comp.id
_chem_comp.type
_chem_comp.name
_chem_comp.formula
2PN non-polymer 'IMIDODIPHOSPHORIC ACID' 'H5 N O6 P2'
AMP non-polymer 'ADENOSINE MONOPHOSPHATE' 'C10 H14 N5 O7 P'
MG non-polymer 'MAGNESIUM ION' 'Mg 2'
#
# COMPACT_ATOMS: atom_id res chain seq x y z
N THR A 6 10.90 -4.37 -28.44
CA THR A 6 11.51 -5.27 -27.48
C THR A 6 10.66 -5.54 -26.22
N LEU A 7 9.71 -4.66 -25.92
CA LEU A 7 8.77 -4.90 -24.82
C LEU A 7 7.51 -5.57 -25.35
N SER A 8 6.94 -6.48 -24.56
CA SER A 8 5.75 -7.22 -24.95
C SER A 8 4.56 -6.72 -24.13
N PHE A 9 3.60 -6.08 -24.80
CA PHE A 9 2.34 -5.70 -24.18
C PHE A 9 1.21 -6.56 -24.74
N ILE A 10 0.16 -6.74 -23.95
CA ILE A 10 -1.00 -7.50 -24.40
C ILE A 10 -2.27 -6.69 -24.11
N THR A 11 -3.33 -7.06 -24.82
CA THR A 11 -4.60 -6.35 -24.72
C THR A 11 -5.61 -7.25 -24.01
N ARG A 12 -5.17 -7.85 -22.91
CA ARG A 12 -5.95 -8.82 -22.16
C ARG A 12 -7.23 -8.21 -21.61
N TRP A 13 -7.11 -7.13 -20.83
CA TRP A 13 -8.31 -6.49 -20.27
C TRP A 13 -9.25 -6.01 -21.37
N ARG A 14 -8.69 -5.33 -22.37
CA ARG A 14 -9.48 -4.81 -23.47
C ARG A 14 -10.25 -5.91 -24.20
N ASP A 15 -9.59 -7.02 -24.52
CA ASP A 15 -10.23 -8.09 -25.29
C ASP A 15 -11.19 -8.91 -24.44
N GLU A 16 -10.86 -9.17 -23.18
CA GLU A 16 -11.62 -10.14 -22.41
C GLU A 16 -12.72 -9.53 -21.55
N LEU A 17 -12.67 -8.23 -21.27
CA LEU A 17 -13.63 -7.58 -20.37
C LEU A 17 -14.30 -6.39 -21.06
N PRO A 18 -14.97 -6.61 -22.19
CA PRO A 18 -15.58 -5.47 -22.89
C PRO A 18 -16.63 -4.82 -22.00
N ALA A 19 -16.87 -3.53 -22.26
CA ALA A 19 -17.86 -2.73 -21.52
C ALA A 19 -17.46 -2.50 -20.05
N THR A 20 -16.17 -2.63 -19.73
CA THR A 20 -15.67 -2.17 -18.44
C THR A 20 -14.75 -0.96 -18.56
N TYR A 21 -14.71 -0.31 -19.72
CA TYR A 21 -13.70 0.72 -19.91
C TYR A 21 -14.13 1.63 -21.06
N THR A 22 -13.42 2.74 -21.19
CA THR A 22 -13.51 3.59 -22.37
C THR A 22 -12.10 3.75 -22.94
N THR A 23 -11.95 3.47 -24.23
CA THR A 23 -10.70 3.72 -24.93
C THR A 23 -10.49 5.22 -25.10
N LEU A 24 -9.33 5.71 -24.66
CA LEU A 24 -8.96 7.10 -24.85
C LEU A 24 -7.45 7.21 -24.66
N SER A 25 -6.89 8.32 -25.13
CA SER A 25 -5.46 8.59 -25.02
C SER A 25 -5.19 9.62 -23.93
N PRO A 26 -3.97 9.64 -23.39
CA PRO A 26 -3.62 10.66 -22.39
C PRO A 26 -3.70 12.07 -22.95
N THR A 27 -3.74 13.05 -22.06
CA THR A 27 -3.71 14.45 -22.46
C THR A 27 -2.41 15.07 -21.95
N PRO A 28 -1.46 15.39 -22.82
CA PRO A 28 -0.14 15.82 -22.35
C PRO A 28 -0.20 17.14 -21.61
N LEU A 29 0.80 17.36 -20.76
CA LEU A 29 0.92 18.62 -20.04
C LEU A 29 1.81 19.58 -20.84
N ASN A 30 1.94 20.80 -20.33
CA ASN A 30 2.74 21.81 -21.02
C ASN A 30 4.18 21.76 -20.52
N ASN A 31 5.12 21.54 -21.44
CA ASN A 31 6.54 21.49 -21.13
C ASN A 31 6.82 20.46 -20.01
N ALA A 32 6.27 19.26 -20.20
CA ALA A 32 6.50 18.18 -19.26
C ALA A 32 7.91 17.63 -19.42
N ARG A 33 8.54 17.31 -18.29
CA ARG A 33 9.89 16.75 -18.30
C ARG A 33 10.02 15.67 -17.23
N LEU A 34 10.84 14.67 -17.52
CA LEU A 34 11.07 13.60 -16.56
C LEU A 34 11.98 14.11 -15.44
N ILE A 35 11.58 13.92 -14.19
CA ILE A 35 12.37 14.38 -13.06
C ILE A 35 12.92 13.24 -12.21
N TRP A 36 12.28 12.07 -12.24
CA TRP A 36 12.78 10.91 -11.50
C TRP A 36 12.24 9.65 -12.16
N HIS A 37 13.10 8.63 -12.28
CA HIS A 37 12.65 7.32 -12.71
C HIS A 37 13.34 6.25 -11.88
N ASN A 38 12.63 5.14 -11.68
CA ASN A 38 13.06 4.02 -10.84
C ASN A 38 13.96 3.10 -11.69
N ALA A 39 15.28 3.32 -11.60
CA ALA A 39 16.21 2.60 -12.47
C ALA A 39 16.26 1.12 -12.16
N GLU A 40 16.18 0.74 -10.87
CA GLU A 40 16.17 -0.65 -10.46
C GLU A 40 14.96 -1.39 -11.03
N LEU A 41 13.78 -0.79 -10.91
CA LEU A 41 12.58 -1.44 -11.38
C LEU A 41 12.58 -1.56 -12.89
N ALA A 42 13.07 -0.54 -13.59
CA ALA A 42 13.09 -0.58 -15.05
C ALA A 42 13.96 -1.73 -15.57
N ASN A 43 15.08 -2.02 -14.89
CA ASN A 43 15.88 -3.18 -15.28
C ASN A 43 15.12 -4.47 -15.05
N THR A 44 14.46 -4.61 -13.90
CA THR A 44 13.62 -5.78 -13.68
C THR A 44 12.58 -5.91 -14.78
N LEU A 45 12.01 -4.79 -15.22
CA LEU A 45 10.94 -4.81 -16.23
C LEU A 45 11.46 -4.92 -17.66
N GLY A 46 12.78 -4.87 -17.87
CA GLY A 46 13.31 -4.94 -19.23
C GLY A 46 13.15 -3.67 -20.05
N ILE A 47 12.92 -2.54 -19.41
CA ILE A 47 12.71 -1.28 -20.13
C ILE A 47 14.06 -0.74 -20.60
N PRO A 48 14.23 -0.46 -21.89
CA PRO A 48 15.48 0.16 -22.35
C PRO A 48 15.70 1.50 -21.67
N SER A 49 16.88 1.66 -21.09
CA SER A 49 17.23 2.92 -20.44
C SER A 49 17.12 4.10 -21.37
N SER A 50 17.29 3.90 -22.69
CA SER A 50 17.18 5.00 -23.63
C SER A 50 15.81 5.66 -23.62
N LEU A 51 14.77 4.93 -23.17
CA LEU A 51 13.41 5.46 -23.12
C LEU A 51 13.25 6.58 -22.11
N PHE A 52 14.21 6.76 -21.21
CA PHE A 52 14.19 7.84 -20.23
C PHE A 52 14.98 9.06 -20.68
N LYS A 53 15.41 9.11 -21.94
CA LYS A 53 16.21 10.23 -22.41
C LYS A 53 15.57 10.94 -23.62
N ALA A 56 9.73 13.81 -22.33
CA ALA A 56 8.78 13.16 -21.39
C ALA A 56 8.27 11.85 -22.00
N GLY A 57 8.04 11.83 -23.31
CA GLY A 57 7.58 10.64 -24.02
C GLY A 57 6.41 9.93 -23.34
N VAL A 58 6.50 8.61 -23.22
CA VAL A 58 5.42 7.79 -22.61
C VAL A 58 5.22 8.17 -21.14
N TRP A 59 6.24 8.67 -20.47
CA TRP A 59 6.14 8.97 -19.05
C TRP A 59 5.28 10.18 -18.77
N GLY A 60 5.03 11.01 -19.79
CA GLY A 60 4.11 12.13 -19.67
C GLY A 60 2.93 11.99 -20.62
N GLY A 61 2.68 10.76 -21.06
CA GLY A 61 1.55 10.48 -21.93
C GLY A 61 1.59 11.12 -23.30
N GLU A 62 2.79 11.41 -23.81
CA GLU A 62 2.94 12.12 -25.08
C GLU A 62 3.28 11.18 -26.24
N THR A 63 3.42 9.88 -25.97
CA THR A 63 3.72 8.89 -27.00
C THR A 63 3.28 7.54 -26.45
N LEU A 64 3.06 6.59 -27.34
CA LEU A 64 2.66 5.25 -26.95
C LEU A 64 3.71 4.25 -27.43
N LEU A 65 3.94 3.26 -26.65
CA LEU A 65 4.82 2.20 -27.11
C LEU A 65 4.01 1.15 -27.88
N PRO A 66 4.63 0.49 -28.85
CA PRO A 66 3.88 -0.48 -29.68
C PRO A 66 3.29 -1.60 -28.82
N GLY A 67 2.00 -1.86 -29.03
CA GLY A 67 1.23 -2.83 -28.28
C GLY A 67 0.31 -2.23 -27.25
N MET A 68 0.57 -1.00 -26.80
CA MET A 68 -0.32 -0.35 -25.85
C MET A 68 -1.66 -0.06 -26.49
N SER A 69 -2.73 -0.16 -25.70
CA SER A 69 -4.07 0.21 -26.14
C SER A 69 -4.74 0.88 -24.95
N PRO A 70 -4.55 2.19 -24.79
CA PRO A 70 -4.92 2.84 -23.52
C PRO A 70 -6.43 2.86 -23.29
N LEU A 71 -6.81 2.72 -22.03
CA LEU A 71 -8.23 2.72 -21.68
C LEU A 71 -8.35 3.19 -20.24
N ALA A 72 -9.53 3.74 -19.91
CA ALA A 72 -9.86 4.08 -18.53
C ALA A 72 -10.94 3.14 -18.04
N GLN A 73 -10.68 2.47 -16.93
CA GLN A 73 -11.63 1.52 -16.36
C GLN A 73 -12.70 2.25 -15.58
N VAL A 74 -13.93 1.72 -15.64
CA VAL A 74 -15.02 2.17 -14.78
C VAL A 74 -15.03 1.29 -13.54
N TYR A 75 -15.45 1.88 -12.43
CA TYR A 75 -15.75 1.14 -11.20
C TYR A 75 -16.63 2.03 -10.35
N SER A 76 -17.11 1.47 -9.23
CA SER A 76 -17.95 2.16 -8.25
C SER A 76 -17.36 1.96 -6.86
N GLY A 77 -18.01 2.53 -5.82
CA GLY A 77 -17.48 2.31 -4.48
C GLY A 77 -18.40 2.77 -3.38
N HIS A 78 -18.15 2.22 -2.19
CA HIS A 78 -18.57 2.82 -0.93
C HIS A 78 -17.46 3.74 -0.46
N GLN A 79 -17.78 5.00 -0.21
CA GLN A 79 -16.82 5.96 0.28
C GLN A 79 -17.25 6.36 1.69
N PHE A 80 -16.34 6.20 2.65
CA PHE A 80 -16.62 6.45 4.05
C PHE A 80 -17.91 5.76 4.51
N GLY A 81 -18.06 4.49 4.10
CA GLY A 81 -19.19 3.68 4.47
C GLY A 81 -20.50 3.96 3.73
N VAL A 82 -20.52 4.87 2.77
CA VAL A 82 -21.74 5.25 2.07
C VAL A 82 -21.58 5.01 0.58
N TRP A 83 -22.61 4.43 -0.04
CA TRP A 83 -22.58 4.18 -1.48
C TRP A 83 -22.44 5.49 -2.24
N ALA A 84 -21.38 5.59 -3.05
CA ALA A 84 -21.07 6.80 -3.79
C ALA A 84 -21.40 6.68 -5.27
N GLY A 85 -21.92 5.55 -5.72
CA GLY A 85 -22.26 5.41 -7.12
C GLY A 85 -21.02 5.20 -7.98
N GLN A 86 -21.13 5.60 -9.24
CA GLN A 86 -20.06 5.33 -10.19
C GLN A 86 -18.85 6.24 -9.93
N LEU A 87 -17.68 5.63 -9.77
CA LEU A 87 -16.43 6.40 -9.74
C LEU A 87 -15.69 6.19 -11.06
N GLY A 88 -14.60 5.44 -11.03
CA GLY A 88 -13.86 5.09 -12.23
C GLY A 88 -12.47 5.70 -12.25
N ASP A 89 -11.70 5.30 -13.27
CA ASP A 89 -10.38 5.88 -13.50
C ASP A 89 -10.59 7.34 -13.89
N GLY A 90 -10.78 8.19 -12.88
CA GLY A 90 -11.10 9.58 -13.16
C GLY A 90 -9.92 10.46 -13.50
N ARG A 91 -8.70 10.01 -13.17
CA ARG A 91 -7.52 10.78 -13.57
C ARG A 91 -6.33 9.88 -13.89
N GLY A 92 -6.58 8.65 -14.34
CA GLY A 92 -5.53 7.75 -14.73
C GLY A 92 -5.94 6.93 -15.94
N ILE A 93 -4.93 6.41 -16.63
CA ILE A 93 -5.13 5.63 -17.85
C ILE A 93 -4.33 4.33 -17.76
N LEU A 94 -4.99 3.20 -17.98
CA LEU A 94 -4.26 1.94 -18.18
C LEU A 94 -3.68 1.96 -19.59
N LEU A 95 -2.37 2.15 -19.70
CA LEU A 95 -1.75 2.24 -21.02
C LEU A 95 -1.71 0.87 -21.71
N GLY A 96 -1.44 -0.18 -20.95
CA GLY A 96 -1.35 -1.51 -21.49
C GLY A 96 -0.91 -2.45 -20.39
N GLU A 97 -0.84 -3.74 -20.75
CA GLU A 97 -0.46 -4.78 -19.82
C GLU A 97 0.80 -5.46 -20.36
N GLN A 98 1.90 -5.39 -19.60
CA GLN A 98 3.20 -5.88 -20.03
C GLN A 98 3.43 -7.31 -19.52
N ARG A 99 3.74 -8.23 -20.43
CA ARG A 99 4.10 -9.58 -20.01
C ARG A 99 5.61 -9.67 -19.77
N LEU A 100 6.00 -10.15 -18.61
CA LEU A 100 7.40 -10.35 -18.28
C LEU A 100 7.83 -11.79 -18.54
N ALA A 101 9.13 -12.05 -18.47
CA ALA A 101 9.68 -13.40 -18.73
C ALA A 101 9.16 -14.44 -17.74
N ASP A 102 8.80 -14.04 -16.52
CA ASP A 102 8.34 -15.05 -15.53
C ASP A 102 6.86 -15.38 -15.74
N GLY A 103 6.24 -14.86 -16.78
CA GLY A 103 4.84 -15.17 -16.98
C GLY A 103 3.89 -14.19 -16.35
N THR A 104 4.40 -13.21 -15.61
CA THR A 104 3.57 -12.16 -15.02
C THR A 104 3.12 -11.14 -16.04
N THR A 105 2.08 -10.41 -15.65
CA THR A 105 1.70 -9.22 -16.36
C THR A 105 1.79 -8.05 -15.39
N MET A 106 2.19 -6.90 -15.92
CA MET A 106 2.31 -5.68 -15.13
C MET A 106 1.53 -4.60 -15.86
N ASP A 107 0.47 -4.10 -15.21
CA ASP A 107 -0.26 -2.94 -15.68
C ASP A 107 0.69 -1.74 -15.72
N TRP A 108 0.66 -0.96 -16.80
CA TRP A 108 1.22 0.39 -16.76
C TRP A 108 0.04 1.36 -16.67
N HIS A 109 -0.08 2.04 -15.54
CA HIS A 109 -1.15 2.98 -15.27
C HIS A 109 -0.55 4.37 -15.11
N LEU A 110 -0.94 5.29 -15.97
CA LEU A 110 -0.44 6.66 -15.92
C LEU A 110 -1.39 7.47 -15.05
N LYS A 111 -0.92 7.90 -13.88
CA LYS A 111 -1.73 8.65 -12.95
C LYS A 111 -1.54 10.14 -13.19
N GLY A 112 -2.65 10.85 -13.41
CA GLY A 112 -2.59 12.23 -13.85
C GLY A 112 -2.67 12.46 -15.35
N ALA A 113 -3.17 11.48 -16.13
CA ALA A 113 -3.08 11.53 -17.59
C ALA A 113 -4.11 12.42 -18.25
N GLY A 114 -5.06 12.97 -17.51
CA GLY A 114 -6.01 13.93 -18.07
C GLY A 114 -7.45 13.53 -17.78
N LEU A 115 -8.35 14.34 -18.34
CA LEU A 115 -9.78 14.08 -18.26
C LEU A 115 -10.13 12.74 -18.90
N THR A 116 -11.21 12.15 -18.39
CA THR A 116 -11.67 10.81 -18.65
C THR A 116 -13.19 10.89 -18.52
N PRO A 117 -13.95 9.96 -19.13
CA PRO A 117 -15.41 9.96 -18.87
C PRO A 117 -15.76 9.71 -17.39
N TYR A 118 -14.78 9.39 -16.55
CA TYR A 118 -14.99 9.10 -15.14
C TYR A 118 -14.41 10.19 -14.22
N SER A 119 -14.00 11.34 -14.78
CA SER A 119 -13.45 12.44 -14.00
C SER A 119 -14.51 13.19 -13.20
N ARG A 120 -15.80 12.98 -13.51
CA ARG A 120 -16.90 13.67 -12.83
C ARG A 120 -16.67 15.17 -12.89
N MET A 121 -16.49 15.84 -11.76
CA MET A 121 -16.24 17.28 -11.83
C MET A 121 -14.78 17.66 -11.58
N GLY A 122 -13.87 16.67 -11.56
CA GLY A 122 -12.46 16.95 -11.33
C GLY A 122 -11.69 17.25 -12.59
N ASP A 123 -10.46 17.76 -12.41
CA ASP A 123 -9.70 18.25 -13.54
C ASP A 123 -8.93 17.15 -14.28
N GLY A 124 -8.89 15.93 -13.75
CA GLY A 124 -8.13 14.85 -14.37
C GLY A 124 -6.63 14.92 -14.17
N ARG A 125 -6.15 15.64 -13.16
CA ARG A 125 -4.72 15.87 -13.01
C ARG A 125 -4.26 15.45 -11.61
N ALA A 126 -2.95 15.21 -11.49
CA ALA A 126 -2.28 15.07 -10.21
C ALA A 126 -1.27 16.20 -10.07
N VAL A 127 -0.81 16.46 -8.84
CA VAL A 127 0.17 17.52 -8.60
C VAL A 127 1.48 16.89 -8.13
N LEU A 128 2.51 17.72 -8.08
CA LEU A 128 3.86 17.20 -7.83
C LEU A 128 3.96 16.59 -6.44
N ARG A 129 3.36 17.23 -5.42
CA ARG A 129 3.54 16.76 -4.06
C ARG A 129 2.87 15.43 -3.80
N SER A 130 1.72 15.17 -4.44
CA SER A 130 1.03 13.91 -4.21
C SER A 130 1.66 12.77 -4.99
N THR A 131 2.21 13.04 -6.18
CA THR A 131 2.89 11.99 -6.93
C THR A 131 4.22 11.63 -6.28
N ILE A 132 4.92 12.62 -5.73
CA ILE A 132 6.15 12.33 -5.00
C ILE A 132 5.86 11.50 -3.76
N ARG A 133 4.83 11.88 -3.00
CA ARG A 133 4.49 11.11 -1.80
C ARG A 133 4.10 9.68 -2.17
N GLU A 134 3.34 9.50 -3.27
CA GLU A 134 2.95 8.16 -3.66
C GLU A 134 4.16 7.33 -4.09
N SER A 135 5.07 7.94 -4.86
CA SER A 135 6.26 7.21 -5.29
C SER A 135 7.06 6.75 -4.10
N LEU A 136 7.31 7.67 -3.17
CA LEU A 136 8.13 7.35 -2.01
C LEU A 136 7.50 6.26 -1.17
N ALA A 137 6.20 6.37 -0.91
CA ALA A 137 5.54 5.43 -0.01
C ALA A 137 5.43 4.05 -0.64
N SER A 138 5.10 3.99 -1.93
CA SER A 138 4.98 2.69 -2.56
C SER A 138 6.33 1.97 -2.60
N GLU A 139 7.40 2.68 -2.96
CA GLU A 139 8.71 2.09 -2.92
C GLU A 139 9.13 1.71 -1.49
N ALA A 140 8.80 2.56 -0.50
CA ALA A 140 9.13 2.24 0.89
C ALA A 140 8.43 0.96 1.34
N MET A 141 7.13 0.83 1.02
CA MET A 141 6.36 -0.36 1.36
C MET A 141 6.95 -1.61 0.71
N HIS A 142 7.45 -1.49 -0.52
CA HIS A 142 8.00 -2.66 -1.18
C HIS A 142 9.28 -3.15 -0.50
N TYR A 143 10.14 -2.22 -0.09
CA TYR A 143 11.37 -2.66 0.56
C TYR A 143 11.11 -3.14 1.97
N LEU A 144 9.99 -2.74 2.57
CA LEU A 144 9.52 -3.34 3.82
C LEU A 144 8.99 -4.76 3.61
N GLY A 145 8.85 -5.22 2.38
CA GLY A 145 8.30 -6.55 2.11
C GLY A 145 6.80 -6.62 2.17
N ILE A 146 6.11 -5.52 1.92
CA ILE A 146 4.66 -5.44 2.03
C ILE A 146 4.09 -5.30 0.62
N PRO A 147 3.12 -6.13 0.22
CA PRO A 147 2.58 -6.03 -1.15
C PRO A 147 2.05 -4.64 -1.44
N THR A 148 2.41 -4.13 -2.63
CA THR A 148 2.08 -2.76 -2.99
C THR A 148 2.17 -2.57 -4.50
N THR A 149 1.47 -1.56 -5.01
CA THR A 149 1.80 -1.02 -6.32
C THR A 149 3.20 -0.40 -6.29
N ARG A 150 3.81 -0.26 -7.47
CA ARG A 150 5.17 0.26 -7.59
C ARG A 150 5.17 1.56 -8.38
N ALA A 151 6.20 2.37 -8.17
CA ALA A 151 6.35 3.65 -8.84
C ALA A 151 7.50 3.57 -9.82
N LEU A 152 7.24 3.89 -11.08
CA LEU A 152 8.28 3.79 -12.10
C LEU A 152 8.85 5.13 -12.55
N SER A 153 8.04 6.20 -12.57
CA SER A 153 8.55 7.48 -13.05
C SER A 153 7.64 8.60 -12.57
N ILE A 154 8.19 9.82 -12.56
CA ILE A 154 7.45 11.04 -12.26
C ILE A 154 7.82 12.10 -13.28
N VAL A 155 6.83 12.73 -13.88
CA VAL A 155 7.09 13.91 -14.72
C VAL A 155 6.42 15.11 -14.07
N THR A 156 7.05 16.26 -14.21
CA THR A 156 6.46 17.52 -13.81
C THR A 156 6.25 18.39 -15.04
N SER A 157 5.56 19.51 -14.86
CA SER A 157 5.26 20.40 -15.99
C SER A 157 5.15 21.82 -15.49
N ASP A 158 4.99 22.75 -16.46
CA ASP A 158 4.65 24.14 -16.16
C ASP A 158 3.15 24.38 -16.20
N SER A 159 2.34 23.32 -16.31
CA SER A 159 0.88 23.38 -16.36
C SER A 159 0.32 23.63 -14.96
N PRO A 160 -0.57 24.62 -14.81
CA PRO A 160 -1.10 24.94 -13.47
C PRO A 160 -2.25 24.02 -13.09
N VAL A 161 -2.18 23.49 -11.88
CA VAL A 161 -3.23 22.66 -11.30
C VAL A 161 -3.56 23.23 -9.94
N TYR A 162 -4.85 23.40 -9.67
CA TYR A 162 -5.30 24.12 -8.50
C TYR A 162 -5.93 23.16 -7.50
N ARG A 163 -5.36 23.11 -6.29
CA ARG A 163 -5.93 22.41 -5.16
C ARG A 163 -6.29 23.45 -4.11
N GLU A 164 -5.53 23.52 -3.01
CA GLU A 164 -5.66 24.65 -2.11
C GLU A 164 -4.75 25.80 -2.51
N THR A 165 -3.68 25.51 -3.23
CA THR A 165 -2.76 26.47 -3.85
C THR A 165 -2.59 26.10 -5.31
N VAL A 166 -1.95 26.96 -6.09
CA VAL A 166 -1.56 26.58 -7.45
C VAL A 166 -0.32 25.70 -7.37
N GLU A 167 -0.35 24.58 -8.08
CA GLU A 167 0.69 23.57 -8.02
C GLU A 167 1.09 23.15 -9.43
N PRO A 168 2.26 22.54 -9.60
CA PRO A 168 2.60 21.99 -10.92
C PRO A 168 1.82 20.72 -11.22
N GLY A 169 1.31 20.62 -12.44
CA GLY A 169 0.78 19.35 -12.90
C GLY A 169 1.89 18.31 -13.00
N ALA A 170 1.57 17.08 -12.61
CA ALA A 170 2.54 16.00 -12.60
C ALA A 170 1.84 14.68 -12.91
N MET A 171 2.63 13.70 -13.36
CA MET A 171 2.12 12.36 -13.67
C MET A 171 3.03 11.31 -13.05
N LEU A 172 2.42 10.27 -12.49
CA LEU A 172 3.15 9.13 -11.97
C LEU A 172 2.86 7.92 -12.86
N MET A 173 3.90 7.27 -13.36
CA MET A 173 3.68 5.95 -13.97
C MET A 173 3.67 4.91 -12.86
N ARG A 174 2.51 4.33 -12.61
CA ARG A 174 2.34 3.27 -11.63
C ARG A 174 2.36 1.93 -12.34
N VAL A 175 3.08 0.97 -11.79
CA VAL A 175 2.98 -0.41 -12.29
C VAL A 175 2.50 -1.32 -11.18
N ALA A 176 1.65 -2.26 -11.54
CA ALA A 176 1.04 -3.17 -10.59
C ALA A 176 0.59 -4.41 -11.32
N PRO A 177 0.63 -5.58 -10.67
CA PRO A 177 0.09 -6.79 -11.28
C PRO A 177 -1.35 -6.68 -11.74
N SER A 178 -2.18 -5.93 -11.01
CA SER A 178 -3.54 -5.68 -11.47
C SER A 178 -4.08 -4.47 -10.72
N HIS A 179 -5.05 -3.79 -11.35
CA HIS A 179 -5.77 -2.71 -10.71
C HIS A 179 -7.20 -3.12 -10.33
N LEU A 180 -7.47 -4.43 -10.30
CA LEU A 180 -8.78 -4.91 -9.88
C LEU A 180 -9.05 -4.48 -8.44
N ARG A 181 -10.21 -3.87 -8.23
CA ARG A 181 -10.62 -3.39 -6.91
C ARG A 181 -11.93 -4.03 -6.51
N PHE A 182 -12.16 -4.09 -5.19
CA PHE A 182 -13.47 -4.49 -4.69
C PHE A 182 -14.56 -3.74 -5.43
N GLY A 183 -14.35 -2.45 -5.72
CA GLY A 183 -15.35 -1.61 -6.35
C GLY A 183 -15.69 -1.99 -7.78
N HIS A 184 -14.83 -2.78 -8.45
CA HIS A 184 -15.18 -3.31 -9.77
C HIS A 184 -16.35 -4.26 -9.67
N PHE A 185 -16.34 -5.13 -8.66
CA PHE A 185 -17.44 -6.08 -8.49
C PHE A 185 -18.71 -5.37 -8.05
N GLU A 186 -18.59 -4.44 -7.10
CA GLU A 186 -19.73 -3.64 -6.67
C GLU A 186 -20.36 -2.91 -7.84
N HIS A 187 -19.55 -2.39 -8.76
CA HIS A 187 -20.07 -1.60 -9.87
C HIS A 187 -21.13 -2.37 -10.63
N PHE A 188 -20.82 -3.61 -11.03
CA PHE A 188 -21.77 -4.37 -11.83
C PHE A 188 -22.84 -5.04 -10.98
N TYR A 189 -22.56 -5.32 -9.70
CA TYR A 189 -23.59 -5.92 -8.86
C TYR A 189 -24.76 -4.95 -8.64
N TYR A 190 -24.46 -3.69 -8.35
CA TYR A 190 -25.52 -2.72 -8.07
C TYR A 190 -26.10 -2.09 -9.33
N ARG A 191 -25.48 -2.35 -10.48
CA ARG A 191 -26.15 -2.17 -11.76
C ARG A 191 -27.04 -3.37 -12.11
N ARG A 192 -27.12 -4.34 -11.21
CA ARG A 192 -27.94 -5.55 -11.47
C ARG A 192 -27.43 -6.26 -12.73
N GLU A 193 -26.13 -6.45 -12.84
CA GLU A 193 -25.56 -7.18 -13.96
C GLU A 193 -24.74 -8.34 -13.38
N PRO A 194 -25.41 -9.32 -12.74
CA PRO A 194 -24.66 -10.35 -12.00
C PRO A 194 -23.71 -11.16 -12.88
N GLU A 195 -23.97 -11.26 -14.19
CA GLU A 195 -23.08 -12.00 -15.06
C GLU A 195 -21.77 -11.26 -15.33
N LYS A 196 -21.79 -9.92 -15.33
CA LYS A 196 -20.53 -9.17 -15.37
C LYS A 196 -19.70 -9.43 -14.13
N VAL A 197 -20.35 -9.53 -12.96
CA VAL A 197 -19.62 -9.83 -11.73
C VAL A 197 -18.90 -11.16 -11.85
N ARG A 198 -19.61 -12.17 -12.38
CA ARG A 198 -19.03 -13.49 -12.54
C ARG A 198 -17.90 -13.48 -13.57
N GLN A 199 -18.06 -12.69 -14.64
CA GLN A 199 -17.02 -12.53 -15.64
C GLN A 199 -15.76 -11.95 -15.02
N LEU A 200 -15.90 -10.97 -14.11
CA LEU A 200 -14.73 -10.42 -13.45
C LEU A 200 -14.06 -11.47 -12.56
N ALA A 201 -14.87 -12.24 -11.83
CA ALA A 201 -14.32 -13.28 -10.98
C ALA A 201 -13.60 -14.34 -11.80
N ASP A 202 -14.20 -14.73 -12.93
CA ASP A 202 -13.56 -15.70 -13.82
C ASP A 202 -12.25 -15.17 -14.40
N PHE A 203 -12.23 -13.89 -14.80
CA PHE A 203 -11.00 -13.27 -15.28
C PHE A 203 -9.92 -13.28 -14.20
N ALA A 204 -10.30 -12.92 -12.96
CA ALA A 204 -9.33 -12.90 -11.88
C ALA A 204 -8.77 -14.29 -11.60
N ILE A 205 -9.63 -15.32 -11.62
CA ILE A 205 -9.16 -16.66 -11.32
C ILE A 205 -8.27 -17.19 -12.44
N ARG A 206 -8.64 -16.92 -13.70
CA ARG A 206 -7.91 -17.41 -14.87
C ARG A 206 -6.48 -16.85 -14.92
N HIS A 207 -6.31 -15.58 -14.56
CA HIS A 207 -5.01 -14.93 -14.70
C HIS A 207 -4.21 -14.84 -13.41
N TYR A 208 -4.84 -14.86 -12.24
CA TYR A 208 -4.10 -14.73 -10.99
C TYR A 208 -4.28 -15.90 -10.01
N TRP A 209 -5.18 -16.84 -10.27
CA TRP A 209 -5.35 -18.03 -9.43
C TRP A 209 -5.50 -19.28 -10.32
N SER A 210 -4.61 -19.40 -11.31
CA SER A 210 -4.81 -20.39 -12.37
C SER A 210 -4.71 -21.84 -11.87
N HIS A 211 -4.08 -22.08 -10.71
CA HIS A 211 -4.11 -23.41 -10.12
C HIS A 211 -5.51 -23.83 -9.68
N LEU A 212 -6.43 -22.89 -9.54
CA LEU A 212 -7.80 -23.28 -9.17
C LEU A 212 -8.44 -23.92 -10.40
N ALA A 213 -8.50 -25.26 -10.39
CA ALA A 213 -9.08 -25.99 -11.50
C ALA A 213 -10.53 -25.59 -11.68
N ASP A 214 -10.93 -25.41 -12.93
CA ASP A 214 -12.25 -24.86 -13.25
C ASP A 214 -13.35 -25.69 -12.61
N ASP A 215 -14.19 -25.00 -11.81
CA ASP A 215 -15.47 -25.46 -11.26
C ASP A 215 -15.35 -26.19 -9.92
N GLU A 216 -14.19 -26.77 -9.59
CA GLU A 216 -14.06 -27.48 -8.32
C GLU A 216 -13.97 -26.46 -7.18
N ASP A 217 -15.13 -26.15 -6.57
CA ASP A 217 -15.17 -25.19 -5.45
C ASP A 217 -14.47 -23.88 -5.80
N LYS A 218 -14.40 -23.60 -7.11
CA LYS A 218 -13.64 -22.49 -7.68
C LYS A 218 -13.76 -21.21 -6.86
N TYR A 219 -14.99 -20.71 -6.75
CA TYR A 219 -15.21 -19.40 -6.17
C TYR A 219 -15.01 -19.40 -4.65
N ARG A 220 -15.37 -20.51 -4.00
CA ARG A 220 -15.18 -20.60 -2.54
C ARG A 220 -13.72 -20.48 -2.16
N LEU A 221 -12.86 -21.26 -2.83
CA LEU A 221 -11.43 -21.23 -2.52
C LEU A 221 -10.80 -19.91 -2.95
N TRP A 222 -11.26 -19.37 -4.08
CA TRP A 222 -10.81 -18.06 -4.51
C TRP A 222 -11.14 -16.99 -3.47
N PHE A 223 -12.42 -16.86 -3.11
CA PHE A 223 -12.80 -15.82 -2.16
C PHE A 223 -12.12 -16.04 -0.82
N THR A 224 -12.06 -17.29 -0.36
CA THR A 224 -11.33 -17.58 0.88
C THR A 224 -9.92 -17.00 0.83
N ASP A 225 -9.25 -17.15 -0.32
CA ASP A 225 -7.90 -16.60 -0.47
C ASP A 225 -7.92 -15.08 -0.58
N VAL A 226 -8.95 -14.51 -1.22
CA VAL A 226 -9.05 -13.05 -1.24
C VAL A 226 -9.13 -12.52 0.20
N VAL A 227 -9.94 -13.16 1.05
CA VAL A 227 -10.03 -12.74 2.44
C VAL A 227 -8.66 -12.81 3.10
N ALA A 228 -7.97 -13.95 2.88
CA ALA A 228 -6.67 -14.20 3.50
C ALA A 228 -5.64 -13.14 3.13
N ARG A 229 -5.62 -12.72 1.86
CA ARG A 229 -4.62 -11.75 1.40
C ARG A 229 -4.88 -10.38 1.98
N THR A 230 -6.15 -10.02 2.16
CA THR A 230 -6.48 -8.72 2.73
C THR A 230 -6.23 -8.70 4.23
N ALA A 231 -6.51 -9.82 4.92
CA ALA A 231 -6.16 -9.94 6.34
C ALA A 231 -4.66 -9.82 6.54
N SER A 232 -3.91 -10.47 5.65
CA SER A 232 -2.45 -10.48 5.74
C SER A 232 -1.87 -9.09 5.47
N LEU A 233 -2.44 -8.39 4.49
CA LEU A 233 -2.01 -7.03 4.20
C LEU A 233 -2.24 -6.10 5.41
N ILE A 234 -3.43 -6.17 6.02
CA ILE A 234 -3.74 -5.32 7.18
C ILE A 234 -2.82 -5.65 8.35
N ALA A 235 -2.61 -6.94 8.61
CA ALA A 235 -1.66 -7.35 9.64
C ALA A 235 -0.31 -6.68 9.43
N GLN A 236 0.17 -6.64 8.18
CA GLN A 236 1.46 -6.05 7.88
C GLN A 236 1.45 -4.54 8.12
N TRP A 237 0.42 -3.82 7.64
CA TRP A 237 0.25 -2.40 7.98
C TRP A 237 0.34 -2.18 9.48
N GLN A 238 -0.36 -3.02 10.25
CA GLN A 238 -0.42 -2.77 11.69
C GLN A 238 0.95 -2.89 12.36
N THR A 239 1.78 -3.85 11.94
CA THR A 239 3.05 -4.05 12.62
C THR A 239 4.09 -2.96 12.30
N VAL A 240 3.99 -2.30 11.13
CA VAL A 240 4.95 -1.26 10.80
C VAL A 240 4.41 0.13 11.07
N GLY A 241 3.16 0.25 11.51
CA GLY A 241 2.56 1.55 11.73
C GLY A 241 2.19 2.31 10.48
N PHE A 242 1.55 1.66 9.51
CA PHE A 242 1.07 2.34 8.30
C PHE A 242 -0.43 2.57 8.43
N ALA A 243 -0.84 3.83 8.26
CA ALA A 243 -2.25 4.20 8.21
C ALA A 243 -2.58 4.62 6.78
N HIS A 244 -3.52 3.91 6.15
CA HIS A 244 -3.87 4.19 4.75
C HIS A 244 -4.58 5.53 4.63
N GLY A 245 -5.66 5.71 5.39
CA GLY A 245 -6.39 6.94 5.42
C GLY A 245 -7.63 6.96 4.55
N VAL A 246 -7.66 6.19 3.44
CA VAL A 246 -8.83 6.17 2.57
C VAL A 246 -9.17 4.74 2.16
N MET A 247 -9.63 3.93 3.12
CA MET A 247 -9.94 2.53 2.82
C MET A 247 -11.38 2.36 2.30
N ASN A 248 -11.75 3.20 1.35
CA ASN A 248 -12.96 2.98 0.58
C ASN A 248 -12.83 1.67 -0.21
N THR A 249 -13.97 1.09 -0.57
CA THR A 249 -13.95 -0.20 -1.26
C THR A 249 -13.32 -0.09 -2.65
N ASP A 250 -13.36 1.10 -3.28
CA ASP A 250 -12.71 1.24 -4.57
C ASP A 250 -11.19 1.35 -4.46
N ASN A 251 -10.64 1.49 -3.26
CA ASN A 251 -9.20 1.48 -3.06
C ASN A 251 -8.69 0.16 -2.48
N MET A 252 -9.54 -0.85 -2.37
CA MET A 252 -9.13 -2.17 -1.90
C MET A 252 -8.76 -3.02 -3.11
N SER A 253 -7.48 -3.37 -3.22
CA SER A 253 -7.02 -4.25 -4.29
C SER A 253 -7.55 -5.66 -4.07
N LEU A 254 -8.09 -6.26 -5.12
CA LEU A 254 -8.55 -7.64 -5.00
C LEU A 254 -7.41 -8.57 -4.62
N LEU A 255 -6.21 -8.33 -5.18
CA LEU A 255 -5.03 -9.16 -4.93
C LEU A 255 -4.43 -8.99 -3.54
N GLY A 256 -4.78 -7.93 -2.83
CA GLY A 256 -4.19 -7.69 -1.53
C GLY A 256 -2.97 -6.81 -1.54
N LEU A 257 -2.83 -5.94 -2.53
CA LEU A 257 -1.75 -4.97 -2.60
C LEU A 257 -2.19 -3.65 -1.99
N THR A 258 -1.25 -2.95 -1.35
CA THR A 258 -1.52 -1.57 -0.95
C THR A 258 -1.77 -0.74 -2.20
N LEU A 259 -2.88 0.01 -2.22
CA LEU A 259 -3.33 0.70 -3.42
C LEU A 259 -3.87 2.09 -3.08
N ASP A 260 -3.45 3.09 -3.88
CA ASP A 260 -3.87 4.49 -3.77
C ASP A 260 -3.28 5.16 -2.53
N TYR A 261 -2.13 5.80 -2.71
CA TYR A 261 -1.44 6.47 -1.61
C TYR A 261 -1.85 7.94 -1.64
N GLY A 262 -2.75 8.34 -0.75
CA GLY A 262 -3.17 9.71 -0.67
C GLY A 262 -2.72 10.34 0.63
N PRO A 263 -3.63 10.46 1.57
CA PRO A 263 -3.33 11.00 2.90
C PRO A 263 -2.89 9.90 3.87
N PHE A 264 -1.98 9.05 3.40
CA PHE A 264 -1.40 8.00 4.23
C PHE A 264 -0.49 8.61 5.30
N GLY A 265 -0.15 7.78 6.28
CA GLY A 265 0.77 8.19 7.32
C GLY A 265 1.46 7.02 7.96
N PHE A 266 2.79 7.09 8.06
CA PHE A 266 3.54 6.15 8.89
C PHE A 266 3.56 6.69 10.31
N LEU A 267 3.12 5.88 11.28
CA LEU A 267 3.06 6.32 12.67
C LEU A 267 4.40 6.83 13.15
N ASP A 268 4.39 7.95 13.88
CA ASP A 268 5.56 8.36 14.63
C ASP A 268 5.24 8.13 16.09
N ASP A 269 4.71 9.12 16.80
CA ASP A 269 4.20 8.85 18.14
C ASP A 269 3.12 7.76 18.06
N TYR A 270 3.24 6.75 18.93
CA TYR A 270 2.29 5.64 18.90
C TYR A 270 0.90 6.10 19.29
N GLU A 271 -0.03 6.09 18.33
CA GLU A 271 -1.36 6.66 18.52
C GLU A 271 -2.38 5.76 17.83
N PRO A 272 -3.01 4.83 18.57
CA PRO A 272 -4.00 3.93 17.95
C PRO A 272 -5.06 4.64 17.13
N GLY A 273 -5.57 5.78 17.61
CA GLY A 273 -6.58 6.53 16.89
C GLY A 273 -6.03 7.61 15.99
N PHE A 274 -4.79 7.45 15.56
CA PHE A 274 -4.15 8.40 14.66
C PHE A 274 -4.90 8.50 13.33
N ILE A 275 -5.13 9.74 12.89
CA ILE A 275 -5.83 10.05 11.65
C ILE A 275 -5.00 11.06 10.88
N CYS A 276 -4.66 10.75 9.64
CA CYS A 276 -3.96 11.69 8.78
C CYS A 276 -4.81 12.21 7.63
N ASN A 277 -5.99 11.63 7.41
CA ASN A 277 -6.93 12.14 6.40
C ASN A 277 -7.67 13.34 6.99
N HIS A 278 -7.45 14.52 6.41
CA HIS A 278 -8.02 15.76 6.94
C HIS A 278 -9.54 15.78 6.83
N SER A 279 -10.10 15.12 5.82
CA SER A 279 -11.54 15.04 5.59
C SER A 279 -12.22 13.88 6.31
N ASP A 280 -11.45 13.00 6.97
CA ASP A 280 -11.98 11.90 7.77
C ASP A 280 -12.39 12.46 9.13
N HIS A 281 -13.60 13.03 9.18
CA HIS A 281 -14.03 13.73 10.39
C HIS A 281 -14.27 12.74 11.55
N GLN A 282 -14.87 11.60 11.26
CA GLN A 282 -15.25 10.63 12.28
C GLN A 282 -14.13 9.63 12.60
N GLY A 283 -12.96 9.81 12.01
CA GLY A 283 -11.88 8.86 12.23
C GLY A 283 -12.20 7.46 11.77
N ARG A 284 -13.02 7.32 10.72
CA ARG A 284 -13.39 5.99 10.22
C ARG A 284 -12.16 5.18 9.84
N TYR A 285 -11.13 5.85 9.31
CA TYR A 285 -9.91 5.19 8.87
C TYR A 285 -8.76 5.46 9.81
N SER A 286 -9.05 5.62 11.10
CA SER A 286 -8.01 5.68 12.11
C SER A 286 -7.23 4.37 12.12
N PHE A 287 -5.93 4.49 12.42
CA PHE A 287 -5.02 3.35 12.40
C PHE A 287 -5.62 2.10 13.04
N ASP A 288 -6.26 2.27 14.20
CA ASP A 288 -6.75 1.14 14.99
C ASP A 288 -8.03 0.51 14.43
N ASN A 289 -8.74 1.20 13.53
CA ASN A 289 -9.93 0.62 12.91
C ASN A 289 -9.62 -0.08 11.59
N GLN A 290 -8.38 -0.05 11.13
CA GLN A 290 -8.05 -0.70 9.86
C GLN A 290 -8.43 -2.18 9.83
N PRO A 291 -8.13 -3.00 10.85
CA PRO A 291 -8.65 -4.38 10.84
C PRO A 291 -10.16 -4.47 10.68
N ALA A 292 -10.92 -3.70 11.47
CA ALA A 292 -12.37 -3.77 11.37
C ALA A 292 -12.84 -3.25 10.02
N VAL A 293 -12.22 -2.19 9.51
CA VAL A 293 -12.67 -1.59 8.24
C VAL A 293 -12.39 -2.54 7.08
N ALA A 294 -11.23 -3.20 7.07
CA ALA A 294 -10.94 -4.12 5.99
C ALA A 294 -11.94 -5.27 5.97
N LEU A 295 -12.40 -5.71 7.15
CA LEU A 295 -13.40 -6.77 7.20
C LEU A 295 -14.75 -6.28 6.67
N TRP A 296 -15.10 -5.02 6.94
CA TRP A 296 -16.34 -4.47 6.42
C TRP A 296 -16.28 -4.34 4.91
N ASN A 297 -15.10 -4.01 4.37
CA ASN A 297 -14.90 -3.95 2.93
C ASN A 297 -15.05 -5.31 2.30
N LEU A 298 -14.55 -6.37 2.95
CA LEU A 298 -14.68 -7.72 2.43
C LEU A 298 -16.13 -8.20 2.48
N GLN A 299 -16.88 -7.79 3.50
CA GLN A 299 -18.29 -8.13 3.56
C GLN A 299 -19.04 -7.51 2.40
N ARG A 300 -18.69 -6.28 2.02
CA ARG A 300 -19.31 -5.63 0.87
C ARG A 300 -18.94 -6.32 -0.43
N LEU A 301 -17.69 -6.81 -0.55
CA LEU A 301 -17.34 -7.63 -1.71
C LEU A 301 -18.11 -8.95 -1.71
N ALA A 302 -18.26 -9.57 -0.53
CA ALA A 302 -18.99 -10.84 -0.44
C ALA A 302 -20.43 -10.70 -0.92
N GLN A 303 -21.00 -9.52 -0.78
CA GLN A 303 -22.40 -9.26 -1.21
C GLN A 303 -22.53 -9.36 -2.73
N THR A 304 -21.53 -8.91 -3.48
CA THR A 304 -21.56 -8.93 -4.93
C THR A 304 -21.47 -10.34 -5.46
N LEU A 305 -20.89 -11.25 -4.69
CA LEU A 305 -20.66 -12.62 -5.14
C LEU A 305 -21.82 -13.55 -4.85
N SER A 306 -22.79 -13.14 -4.02
CA SER A 306 -23.88 -14.01 -3.65
C SER A 306 -24.75 -14.49 -4.82
N PRO A 307 -24.88 -13.77 -5.94
CA PRO A 307 -25.66 -14.33 -7.06
C PRO A 307 -25.15 -15.69 -7.54
N PHE A 308 -23.87 -16.00 -7.38
CA PHE A 308 -23.32 -17.23 -7.91
C PHE A 308 -22.41 -17.98 -6.94
N VAL A 309 -22.30 -17.53 -5.68
CA VAL A 309 -21.55 -18.21 -4.64
C VAL A 309 -22.48 -18.38 -3.44
N ALA A 310 -22.57 -19.60 -2.93
CA ALA A 310 -23.47 -19.92 -1.83
C ALA A 310 -23.20 -19.00 -0.64
N VAL A 311 -24.24 -18.27 -0.22
CA VAL A 311 -24.08 -17.22 0.78
C VAL A 311 -23.46 -17.76 2.07
N ASP A 312 -23.56 -19.07 2.31
CA ASP A 312 -22.93 -19.62 3.51
C ASP A 312 -21.42 -19.80 3.33
N ALA A 313 -20.99 -20.28 2.15
CA ALA A 313 -19.56 -20.39 1.88
C ALA A 313 -18.87 -19.03 1.90
N LEU A 314 -19.61 -17.97 1.54
CA LEU A 314 -19.09 -16.62 1.65
C LEU A 314 -18.84 -16.25 3.11
N ASN A 315 -19.80 -16.54 3.99
CA ASN A 315 -19.62 -16.17 5.39
C ASN A 315 -18.59 -17.06 6.08
N GLU A 316 -18.42 -18.29 5.60
CA GLU A 316 -17.37 -19.14 6.13
C GLU A 316 -15.98 -18.63 5.74
N ALA A 317 -15.85 -18.03 4.56
CA ALA A 317 -14.59 -17.36 4.21
C ALA A 317 -14.38 -16.12 5.08
N LEU A 318 -15.45 -15.37 5.34
CA LEU A 318 -15.32 -14.15 6.12
C LEU A 318 -15.00 -14.43 7.59
N ASP A 319 -15.43 -15.59 8.10
CA ASP A 319 -15.13 -15.96 9.48
C ASP A 319 -13.68 -16.33 9.69
N SER A 320 -12.97 -16.75 8.63
CA SER A 320 -11.56 -17.06 8.75
C SER A 320 -10.70 -15.81 8.84
N TYR A 321 -11.28 -14.62 8.56
CA TYR A 321 -10.50 -13.39 8.50
C TYR A 321 -9.73 -13.15 9.79
N GLN A 322 -10.39 -13.29 10.94
CA GLN A 322 -9.77 -12.92 12.20
C GLN A 322 -8.59 -13.82 12.52
N GLN A 323 -8.74 -15.14 12.36
CA GLN A 323 -7.61 -16.03 12.63
C GLN A 323 -6.44 -15.73 11.70
N VAL A 324 -6.71 -15.54 10.40
CA VAL A 324 -5.61 -15.24 9.48
C VAL A 324 -4.93 -13.92 9.86
N LEU A 325 -5.72 -12.88 10.16
CA LEU A 325 -5.10 -11.62 10.56
C LEU A 325 -4.28 -11.80 11.83
N LEU A 326 -4.84 -12.51 12.82
CA LEU A 326 -4.14 -12.71 14.10
C LEU A 326 -2.84 -13.48 13.91
N THR A 327 -2.85 -14.48 13.02
CA THR A 327 -1.64 -15.30 12.81
C THR A 327 -0.52 -14.46 12.21
N HIS A 328 -0.80 -13.77 11.11
CA HIS A 328 0.21 -12.90 10.52
C HIS A 328 0.68 -11.84 11.52
N TYR A 329 -0.26 -11.18 12.21
CA TYR A 329 0.11 -10.14 13.17
C TYR A 329 0.95 -10.71 14.30
N GLY A 330 0.47 -11.78 14.94
CA GLY A 330 1.19 -12.34 16.07
C GLY A 330 2.60 -12.81 15.69
N GLN A 331 2.74 -13.47 14.54
CA GLN A 331 4.04 -13.99 14.14
C GLN A 331 5.03 -12.85 13.85
N ARG A 332 4.54 -11.78 13.23
CA ARG A 332 5.40 -10.63 12.93
C ARG A 332 5.79 -9.87 14.19
N MET A 333 4.85 -9.65 15.11
CA MET A 333 5.19 -8.95 16.34
C MET A 333 6.18 -9.74 17.19
N ARG A 334 6.06 -11.07 17.17
CA ARG A 334 6.95 -11.89 17.97
C ARG A 334 8.38 -11.80 17.46
N GLN A 335 8.54 -11.76 16.13
CA GLN A 335 9.84 -11.42 15.56
C GLN A 335 10.24 -9.99 15.93
N LYS A 336 9.29 -9.06 15.97
CA LYS A 336 9.64 -7.68 16.34
C LYS A 336 10.07 -7.56 17.80
N LEU A 337 9.55 -8.44 18.66
CA LEU A 337 9.87 -8.45 20.08
C LEU A 337 11.02 -9.40 20.42
N GLY A 338 11.60 -10.04 19.41
CA GLY A 338 12.69 -10.98 19.66
C GLY A 338 12.26 -12.28 20.28
N PHE A 339 10.97 -12.59 20.24
CA PHE A 339 10.46 -13.83 20.83
C PHE A 339 10.69 -14.96 19.83
N MET A 340 11.75 -15.75 20.06
CA MET A 340 12.12 -16.84 19.16
C MET A 340 11.32 -18.12 19.43
N THR A 341 10.68 -18.22 20.58
CA THR A 341 9.80 -19.33 20.90
C THR A 341 8.43 -18.74 21.22
N GLU A 342 7.58 -19.51 21.90
CA GLU A 342 6.23 -19.00 22.18
C GLU A 342 5.84 -19.30 23.63
N GLN A 343 5.98 -18.33 24.53
CA GLN A 343 5.56 -18.53 25.94
C GLN A 343 4.20 -17.85 26.12
N LYS A 344 3.40 -18.28 27.10
CA LYS A 344 2.08 -17.67 27.26
C LYS A 344 2.14 -16.32 27.96
N GLU A 345 3.34 -15.90 28.43
CA GLU A 345 3.55 -14.54 28.91
C GLU A 345 3.54 -13.51 27.80
N ASP A 346 3.45 -13.93 26.53
CA ASP A 346 3.76 -13.03 25.43
C ASP A 346 2.64 -12.03 25.17
N ASN A 347 1.38 -12.45 25.28
CA ASN A 347 0.28 -11.54 24.99
C ASN A 347 0.20 -10.42 26.03
N ALA A 348 0.29 -10.77 27.32
CA ALA A 348 0.24 -9.75 28.36
C ALA A 348 1.44 -8.81 28.27
N LEU A 349 2.60 -9.34 27.88
CA LEU A 349 3.80 -8.51 27.72
C LEU A 349 3.58 -7.46 26.63
N LEU A 350 3.04 -7.88 25.49
CA LEU A 350 2.80 -6.94 24.40
C LEU A 350 1.74 -5.93 24.78
N ASN A 351 0.58 -6.41 25.25
CA ASN A 351 -0.50 -5.53 25.65
C ASN A 351 -0.06 -4.53 26.70
N GLU A 352 0.89 -4.92 27.57
CA GLU A 352 1.42 -3.99 28.55
C GLU A 352 2.29 -2.93 27.88
N LEU A 353 3.08 -3.33 26.89
CA LEU A 353 3.94 -2.36 26.20
C LEU A 353 3.10 -1.34 25.44
N PHE A 354 2.14 -1.80 24.65
CA PHE A 354 1.34 -0.90 23.82
C PHE A 354 0.54 0.09 24.69
N SER A 355 -0.08 -0.40 25.76
CA SER A 355 -0.75 0.52 26.68
C SER A 355 0.24 1.48 27.35
N LEU A 356 1.46 1.02 27.61
CA LEU A 356 2.51 1.90 28.10
C LEU A 356 2.94 2.90 27.03
N MET A 357 3.18 2.41 25.81
CA MET A 357 3.58 3.28 24.70
C MET A 357 2.54 4.35 24.41
N ALA A 358 1.26 4.02 24.58
CA ALA A 358 0.20 4.98 24.26
C ALA A 358 0.09 6.07 25.33
N ARG A 359 0.41 5.76 26.59
CA ARG A 359 0.37 6.79 27.63
C ARG A 359 1.59 7.69 27.57
N GLU A 360 2.73 7.17 27.11
CA GLU A 360 3.96 7.94 26.98
C GLU A 360 4.14 8.53 25.59
N ARG A 361 3.24 8.23 24.67
CA ARG A 361 3.32 8.70 23.27
C ARG A 361 4.68 8.38 22.65
N SER A 362 5.19 7.18 22.95
CA SER A 362 6.47 6.75 22.41
C SER A 362 6.46 6.74 20.88
N ASP A 363 7.61 7.04 20.29
CA ASP A 363 7.74 6.92 18.84
C ASP A 363 7.73 5.43 18.46
N TYR A 364 6.82 5.04 17.55
CA TYR A 364 6.64 3.62 17.23
C TYR A 364 7.90 3.01 16.64
N THR A 365 8.34 3.51 15.49
CA THR A 365 9.50 2.91 14.82
C THR A 365 10.73 2.94 15.72
N ARG A 366 10.92 4.04 16.46
CA ARG A 366 12.10 4.16 17.31
C ARG A 366 12.04 3.20 18.50
N THR A 367 10.86 3.05 19.09
CA THR A 367 10.71 2.14 20.24
C THR A 367 11.14 0.73 19.86
N PHE A 368 10.66 0.23 18.72
CA PHE A 368 11.02 -1.14 18.34
C PHE A 368 12.46 -1.24 17.85
N ARG A 369 12.97 -0.23 17.16
CA ARG A 369 14.37 -0.28 16.76
C ARG A 369 15.29 -0.23 17.97
N MET A 370 14.96 0.58 18.98
CA MET A 370 15.80 0.60 20.17
C MET A 370 15.65 -0.70 20.96
N LEU A 371 14.44 -1.24 21.04
CA LEU A 371 14.25 -2.52 21.73
C LEU A 371 15.07 -3.63 21.08
N SER A 372 15.46 -3.47 19.81
CA SER A 372 16.30 -4.47 19.12
C SER A 372 17.73 -4.51 19.63
N LEU A 373 18.11 -3.65 20.57
CA LEU A 373 19.44 -3.68 21.17
C LEU A 373 19.44 -4.36 22.53
N THR A 374 18.31 -4.92 22.93
CA THR A 374 18.14 -5.42 24.28
C THR A 374 19.10 -6.57 24.56
N GLU A 375 19.77 -6.51 25.70
CA GLU A 375 20.55 -7.62 26.22
C GLU A 375 19.76 -8.32 27.32
N GLN A 376 19.81 -9.66 27.31
CA GLN A 376 18.92 -10.44 28.17
C GLN A 376 19.13 -10.13 29.64
N HIS A 377 20.39 -10.06 30.07
CA HIS A 377 20.72 -9.92 31.48
C HIS A 377 21.05 -8.49 31.90
N SER A 378 21.04 -7.54 30.96
CA SER A 378 21.34 -6.16 31.26
C SER A 378 20.06 -5.33 31.27
N ALA A 379 19.93 -4.47 32.27
CA ALA A 379 18.78 -3.58 32.39
C ALA A 379 19.01 -2.23 31.72
N ALA A 380 20.14 -2.06 31.03
CA ALA A 380 20.47 -0.80 30.37
C ALA A 380 19.63 -0.55 29.11
N ASP A 385 15.06 5.49 28.85
CA ASP A 385 15.00 6.84 29.40
C ASP A 385 14.26 7.81 28.48
N GLU A 386 13.34 7.27 27.68
CA GLU A 386 12.45 8.07 26.84
C GLU A 386 11.07 8.22 27.47
N PHE A 387 10.93 7.86 28.74
CA PHE A 387 9.60 7.85 29.38
C PHE A 387 9.53 8.81 30.57
N ILE A 388 8.31 9.27 30.82
CA ILE A 388 7.94 10.18 31.94
C ILE A 388 7.94 9.32 33.20
N ASP A 389 7.57 8.05 33.05
CA ASP A 389 7.49 7.10 34.19
C ASP A 389 8.55 6.01 34.03
N ARG A 390 9.82 6.33 34.24
CA ARG A 390 10.92 5.33 34.09
C ARG A 390 10.69 4.14 35.02
N ALA A 391 10.10 4.37 36.20
CA ALA A 391 9.86 3.26 37.12
C ALA A 391 8.98 2.19 36.47
N ALA A 392 7.96 2.62 35.70
CA ALA A 392 7.06 1.69 35.06
C ALA A 392 7.71 0.99 33.86
N PHE A 393 8.69 1.62 33.22
CA PHE A 393 9.39 0.96 32.12
C PHE A 393 10.34 -0.10 32.64
N ASP A 394 11.19 0.25 33.62
CA ASP A 394 12.10 -0.72 34.21
C ASP A 394 11.36 -1.94 34.74
N ASP A 395 10.16 -1.73 35.29
CA ASP A 395 9.32 -2.83 35.74
C ASP A 395 8.87 -3.71 34.57
N TRP A 396 8.41 -3.10 33.49
CA TRP A 396 8.06 -3.89 32.30
C TRP A 396 9.31 -4.49 31.66
N PHE A 397 10.37 -3.69 31.53
CA PHE A 397 11.60 -4.17 30.89
C PHE A 397 12.19 -5.35 31.63
N ALA A 398 12.03 -5.40 32.97
CA ALA A 398 12.52 -6.55 33.73
C ALA A 398 11.73 -7.81 33.40
N ARG A 399 10.40 -7.75 33.53
CA ARG A 399 9.56 -8.90 33.21
C ARG A 399 9.70 -9.30 31.74
N TYR A 400 9.92 -8.31 30.84
CA TYR A 400 10.18 -8.62 29.43
C TYR A 400 11.48 -9.42 29.27
N ARG A 401 12.54 -8.97 29.94
CA ARG A 401 13.83 -9.62 29.80
C ARG A 401 13.85 -11.00 30.42
N GLY A 402 13.11 -11.20 31.51
CA GLY A 402 13.02 -12.52 32.10
C GLY A 402 12.42 -13.54 31.15
N ARG A 403 11.52 -13.10 30.28
CA ARG A 403 10.95 -14.00 29.28
C ARG A 403 11.92 -14.28 28.15
N LEU A 404 12.77 -13.33 27.77
CA LEU A 404 13.77 -13.60 26.74
C LEU A 404 14.75 -14.67 27.18
N GLN A 405 14.97 -14.81 28.50
CA GLN A 405 15.90 -15.81 29.00
C GLN A 405 15.45 -17.22 28.64
N GLN A 406 14.15 -17.47 28.65
CA GLN A 406 13.64 -18.80 28.33
C GLN A 406 13.96 -19.22 26.91
N ASP A 407 14.42 -18.30 26.06
CA ASP A 407 14.46 -18.54 24.63
C ASP A 407 15.64 -19.36 24.14
N GLU A 408 16.60 -19.70 25.01
CA GLU A 408 17.75 -20.53 24.64
C GLU A 408 18.78 -19.77 23.81
N VAL A 409 18.33 -18.74 23.10
CA VAL A 409 19.11 -18.11 22.03
C VAL A 409 19.96 -16.98 22.59
N SER A 410 21.07 -16.75 21.90
CA SER A 410 22.07 -15.75 22.24
C SER A 410 21.49 -14.33 22.23
N ASP A 411 22.24 -13.42 22.89
CA ASP A 411 22.01 -11.99 22.70
C ASP A 411 22.29 -11.58 21.26
N SER A 412 23.29 -12.21 20.63
CA SER A 412 23.88 -11.69 19.40
C SER A 412 22.85 -11.60 18.28
N GLU A 413 22.31 -12.74 17.85
CA GLU A 413 21.46 -12.76 16.66
C GLU A 413 19.98 -12.86 16.99
N ARG A 414 19.61 -12.79 18.27
CA ARG A 414 18.29 -12.29 18.57
C ARG A 414 18.18 -10.82 18.18
N GLN A 415 19.22 -10.05 18.49
CA GLN A 415 19.30 -8.68 17.99
C GLN A 415 19.37 -8.65 16.47
N GLN A 416 19.96 -9.67 15.84
CA GLN A 416 20.04 -9.67 14.39
C GLN A 416 18.69 -9.99 13.75
N LEU A 417 17.91 -10.89 14.35
CA LEU A 417 16.56 -11.10 13.86
C LEU A 417 15.72 -9.84 14.03
N MET A 418 15.82 -9.19 15.19
CA MET A 418 15.00 -8.01 15.42
C MET A 418 15.36 -6.90 14.44
N GLN A 419 16.66 -6.71 14.17
CA GLN A 419 17.08 -5.67 13.25
C GLN A 419 16.68 -5.97 11.81
N SER A 420 16.27 -7.20 11.51
CA SER A 420 15.80 -7.51 10.18
C SER A 420 14.30 -7.29 10.03
N VAL A 421 13.55 -7.20 11.13
CA VAL A 421 12.11 -6.94 11.08
C VAL A 421 11.71 -5.60 11.66
N ASN A 422 12.59 -4.95 12.41
CA ASN A 422 12.31 -3.62 12.93
C ASN A 422 13.06 -2.60 12.10
N PRO A 423 12.39 -1.83 11.25
CA PRO A 423 13.13 -0.91 10.37
C PRO A 423 13.84 0.18 11.16
N ALA A 424 14.97 0.61 10.61
CA ALA A 424 15.67 1.76 11.14
C ALA A 424 15.05 3.05 10.63
N LEU A 425 14.58 3.02 9.39
CA LEU A 425 14.08 4.19 8.68
C LEU A 425 12.69 3.87 8.11
N VAL A 426 11.72 4.75 8.36
CA VAL A 426 10.45 4.73 7.65
C VAL A 426 10.25 6.09 6.99
N LEU A 427 9.22 6.17 6.16
CA LEU A 427 8.94 7.41 5.42
C LEU A 427 8.01 8.28 6.26
N ARG A 428 8.60 9.12 7.10
CA ARG A 428 7.80 10.04 7.89
C ARG A 428 7.37 11.23 7.04
N ASN A 429 6.29 11.88 7.49
CA ASN A 429 5.72 12.97 6.69
C ASN A 429 6.74 14.08 6.44
N TRP A 430 7.62 14.37 7.40
CA TRP A 430 8.54 15.49 7.22
C TRP A 430 9.68 15.17 6.26
N LEU A 431 10.07 13.90 6.14
CA LEU A 431 11.08 13.51 5.16
C LEU A 431 10.56 13.73 3.74
N ALA A 432 9.34 13.25 3.45
CA ALA A 432 8.76 13.46 2.12
C ALA A 432 8.58 14.94 1.84
N GLN A 433 8.15 15.71 2.84
CA GLN A 433 7.93 17.13 2.63
C GLN A 433 9.24 17.86 2.29
N ARG A 434 10.35 17.47 2.91
CA ARG A 434 11.63 18.07 2.55
C ARG A 434 11.98 17.79 1.08
N ALA A 435 11.76 16.55 0.62
CA ALA A 435 12.01 16.23 -0.79
C ALA A 435 11.08 16.99 -1.73
N ILE A 436 9.82 17.18 -1.34
CA ILE A 436 8.87 17.92 -2.17
C ILE A 436 9.27 19.39 -2.28
N GLU A 437 9.70 20.00 -1.18
CA GLU A 437 10.10 21.41 -1.20
C GLU A 437 11.26 21.62 -2.17
N ALA A 438 12.33 20.84 -2.01
CA ALA A 438 13.48 20.95 -2.90
C ALA A 438 13.09 20.66 -4.35
N ALA A 439 12.20 19.68 -4.55
CA ALA A 439 11.75 19.33 -5.90
C ALA A 439 11.09 20.52 -6.57
N GLU A 440 10.22 21.24 -5.86
CA GLU A 440 9.50 22.35 -6.46
C GLU A 440 10.45 23.47 -6.85
N LYS A 441 11.53 23.67 -6.09
CA LYS A 441 12.59 24.61 -6.44
C LYS A 441 13.47 24.11 -7.57
N GLY A 442 13.22 22.91 -8.10
CA GLY A 442 14.02 22.37 -9.17
C GLY A 442 15.26 21.63 -8.74
N ASP A 443 15.36 21.24 -7.47
CA ASP A 443 16.48 20.43 -6.97
C ASP A 443 15.95 19.06 -6.60
N MET A 444 16.28 18.05 -7.40
CA MET A 444 15.80 16.69 -7.20
C MET A 444 16.73 15.83 -6.34
N THR A 445 17.79 16.42 -5.78
CA THR A 445 18.75 15.60 -5.04
C THR A 445 18.09 14.94 -3.83
N GLU A 446 17.29 15.70 -3.08
CA GLU A 446 16.69 15.17 -1.87
C GLU A 446 15.68 14.06 -2.18
N LEU A 447 14.99 14.17 -3.31
CA LEU A 447 14.07 13.12 -3.71
C LEU A 447 14.82 11.83 -4.07
N HIS A 448 15.91 11.96 -4.83
CA HIS A 448 16.71 10.79 -5.15
C HIS A 448 17.38 10.23 -3.91
N ARG A 449 17.95 11.10 -3.07
CA ARG A 449 18.56 10.66 -1.82
C ARG A 449 17.57 9.88 -0.97
N LEU A 450 16.35 10.39 -0.80
CA LEU A 450 15.38 9.72 0.07
C LEU A 450 14.99 8.36 -0.51
N HIS A 451 14.83 8.31 -1.83
CA HIS A 451 14.46 7.04 -2.50
C HIS A 451 15.55 5.99 -2.22
N GLU A 452 16.81 6.40 -2.32
CA GLU A 452 17.91 5.46 -2.10
C GLU A 452 17.87 4.92 -0.67
N ALA A 453 17.69 5.79 0.31
CA ALA A 453 17.66 5.36 1.70
C ALA A 453 16.55 4.35 1.96
N LEU A 454 15.39 4.57 1.35
CA LEU A 454 14.22 3.72 1.57
C LEU A 454 14.36 2.33 0.96
N ARG A 455 15.37 2.12 0.11
CA ARG A 455 15.68 0.78 -0.36
C ARG A 455 16.43 -0.06 0.67
N ASN A 456 16.88 0.54 1.79
CA ASN A 456 17.54 -0.19 2.88
C ASN A 456 16.93 0.19 4.22
N PRO A 457 15.63 -0.07 4.43
CA PRO A 457 14.97 0.41 5.65
C PRO A 457 15.47 -0.24 6.93
N PHE A 458 16.23 -1.34 6.84
CA PHE A 458 16.72 -2.07 8.00
C PHE A 458 18.20 -1.83 8.27
N SER A 459 18.87 -1.04 7.43
CA SER A 459 20.23 -0.60 7.69
C SER A 459 20.23 0.58 8.66
N ASP A 460 21.24 0.60 9.53
CA ASP A 460 21.39 1.69 10.47
C ASP A 460 21.99 2.91 9.79
N ARG A 461 21.60 4.10 10.26
CA ARG A 461 21.90 5.35 9.57
C ARG A 461 22.70 6.29 10.45
N ASP A 462 23.45 7.15 9.77
CA ASP A 462 24.19 8.25 10.37
C ASP A 462 23.40 9.55 10.42
N ASP A 463 22.62 9.84 9.36
CA ASP A 463 21.98 11.12 9.10
C ASP A 463 20.63 11.29 9.79
N ASP A 464 19.88 12.33 9.40
CA ASP A 464 18.59 12.66 9.99
C ASP A 464 17.43 11.79 9.46
N TYR A 465 17.73 10.72 8.72
CA TYR A 465 16.65 9.89 8.20
C TYR A 465 16.02 8.99 9.25
N VAL A 466 16.68 8.81 10.40
CA VAL A 466 16.14 8.03 11.52
C VAL A 466 15.67 8.91 12.67
N SER A 467 15.82 10.23 12.56
CA SER A 467 15.54 11.14 13.65
C SER A 467 14.04 11.43 13.76
N ARG A 468 13.68 12.03 14.89
CA ARG A 468 12.36 12.62 15.13
C ARG A 468 12.09 13.69 14.09
N PRO A 469 10.84 14.03 13.82
CA PRO A 469 10.53 15.31 13.17
C PRO A 469 10.93 16.46 14.08
N PRO A 470 11.65 17.47 13.55
CA PRO A 470 12.18 18.54 14.42
C PRO A 470 11.13 19.26 15.26
N ASP A 471 9.95 19.52 14.72
CA ASP A 471 8.85 20.19 15.44
C ASP A 471 9.29 21.52 16.08
P1 2PN B . -7.16 8.29 -7.23
O1 2PN B . -6.25 8.77 -6.12
O2 2PN B . -8.35 7.56 -6.63
O3 2PN B . -7.60 9.48 -8.05
N1 2PN B . -6.34 7.18 -8.23
P2 2PN B . -6.14 5.53 -7.79
O4 2PN B . -6.09 4.74 -9.08
O5 2PN B . -4.84 5.39 -7.03
O6 2PN B . -7.25 4.97 -6.93
P AMP C . -10.93 7.83 -3.63
O1P AMP C . -9.51 7.44 -3.98
O2P AMP C . -11.78 6.70 -3.05
O3P AMP C . -11.04 9.12 -2.84
O5' AMP C . -11.57 7.98 -5.09
C5' AMP C . -11.87 9.26 -5.65
C4' AMP C . -12.40 9.10 -7.07
O4' AMP C . -12.31 10.37 -7.74
C3' AMP C . -11.64 8.10 -7.94
O3' AMP C . -12.53 7.49 -8.87
C2' AMP C . -10.63 8.97 -8.69
O2' AMP C . -10.25 8.46 -9.95
C1' AMP C . -11.40 10.30 -8.82
N9 AMP C . -10.51 11.47 -8.77
C8 AMP C . -9.62 11.76 -7.79
N7 AMP C . -8.94 12.91 -8.05
C5 AMP C . -9.40 13.38 -9.22
C6 AMP C . -9.12 14.55 -10.10
N6 AMP C . -8.20 15.49 -9.76
N1 AMP C . -9.81 14.65 -11.27
C2 AMP C . -10.72 13.74 -11.63
N3 AMP C . -11.03 12.65 -10.89
C4 AMP C . -10.42 12.43 -9.70
MG MG D . -8.54 5.87 -5.44
MG MG E . -6.52 8.97 -3.77
#